data_3K5Q
#
_entry.id   3K5Q
#
_cell.length_a   98.803
_cell.length_b   98.803
_cell.length_c   103.039
_cell.angle_alpha   90.00
_cell.angle_beta   90.00
_cell.angle_gamma   120.00
#
_symmetry.space_group_name_H-M   'P 61'
#
loop_
_entity.id
_entity.type
_entity.pdbx_description
1 polymer 'Fem-3 mRNA-binding factor 2'
2 polymer "5'-R(P*UP*GP*UP*AP*CP*UP*AP*UP*A)-3'"
3 water water
#
loop_
_entity_poly.entity_id
_entity_poly.type
_entity_poly.pdbx_seq_one_letter_code
_entity_poly.pdbx_strand_id
1 'polypeptide(L)'
;SNNVLPTWSLDSNGEMRSRLSLSEVLDSGDLMKFAVDKTGCQFLEKAVKGSLTSYQKFQLFEQVIGRKDDFLKLSTNIFG
NYLVQSVIGISLATNDDGYTKRQEKLKNFISSQMTDMCLDKFACRVIQSSLQNMDLSLACKLVQALPRDARLIAICVDQN
ANHVIQKVVAVIPLKNWEFIVDFVATPEHLRQICSDKYGCRVVQTIIEKLTADSMNVDLTSAAQNLRERALQRLMTSVTN
RCQELATNEYANYIIQHIVSNDDLAVYRECIIEKCLMRNLLSLSQEKFASHVVEKAFLHAPLELLAEMMDEIFDGYIPHP
DTGKDALDIMMFHQFGNYVVQCMLTICCDAVSGRRQTKEGGYDHAISFQDWLKKLHSRVTKERHRLSRFSSGKKMIETLA
NLRSTHPIYELQ
;
A
2 'polyribonucleotide' UGUACUAUA B
#
loop_
_chem_comp.id
_chem_comp.type
_chem_comp.name
_chem_comp.formula
A RNA linking ADENOSINE-5'-MONOPHOSPHATE 'C10 H14 N5 O7 P'
C RNA linking CYTIDINE-5'-MONOPHOSPHATE 'C9 H14 N3 O8 P'
G RNA linking GUANOSINE-5'-MONOPHOSPHATE 'C10 H14 N5 O8 P'
U RNA linking URIDINE-5'-MONOPHOSPHATE 'C9 H13 N2 O9 P'
#
# COMPACT_ATOMS: atom_id res chain seq x y z
N LEU A 5 25.19 -29.39 -14.79
CA LEU A 5 26.21 -29.44 -13.76
C LEU A 5 27.49 -30.10 -14.25
N PRO A 6 28.65 -29.58 -13.83
CA PRO A 6 29.94 -30.16 -14.23
C PRO A 6 30.00 -31.62 -13.86
N THR A 7 30.57 -32.42 -14.75
CA THR A 7 30.53 -33.87 -14.59
C THR A 7 31.23 -34.35 -13.32
N TRP A 8 32.32 -33.67 -12.95
CA TRP A 8 33.10 -34.05 -11.76
C TRP A 8 32.27 -34.05 -10.46
N SER A 9 31.22 -33.23 -10.43
CA SER A 9 30.39 -33.08 -9.23
C SER A 9 29.27 -34.11 -9.19
N LEU A 10 29.18 -34.94 -10.21
CA LEU A 10 28.12 -35.95 -10.31
C LEU A 10 28.63 -37.34 -9.95
N ASP A 11 27.71 -38.22 -9.57
CA ASP A 11 28.06 -39.61 -9.27
C ASP A 11 27.71 -40.52 -10.45
N SER A 12 27.42 -41.78 -10.16
CA SER A 12 27.10 -42.75 -11.20
C SER A 12 25.69 -42.55 -11.75
N ASN A 13 24.84 -41.92 -10.96
CA ASN A 13 23.44 -41.70 -11.34
C ASN A 13 23.24 -40.47 -12.20
N GLY A 14 24.31 -39.69 -12.40
CA GLY A 14 24.20 -38.41 -13.06
C GLY A 14 23.61 -37.42 -12.07
N GLU A 15 23.75 -37.74 -10.79
CA GLU A 15 23.18 -36.99 -9.70
C GLU A 15 24.28 -36.24 -8.96
N MET A 16 23.95 -35.10 -8.36
CA MET A 16 24.96 -34.33 -7.63
C MET A 16 25.49 -35.17 -6.46
N ARG A 17 26.81 -35.17 -6.29
CA ARG A 17 27.47 -36.00 -5.29
C ARG A 17 27.10 -35.63 -3.85
N SER A 18 27.64 -36.41 -2.92
CA SER A 18 27.53 -36.12 -1.51
C SER A 18 28.93 -35.79 -1.02
N ARG A 19 29.04 -35.22 0.17
CA ARG A 19 30.34 -34.89 0.75
C ARG A 19 31.07 -33.82 -0.08
N LEU A 20 30.34 -33.16 -0.97
CA LEU A 20 30.89 -32.03 -1.72
C LEU A 20 31.22 -30.91 -0.76
N SER A 21 32.40 -30.32 -0.93
CA SER A 21 32.79 -29.19 -0.09
C SER A 21 32.54 -27.89 -0.83
N LEU A 22 32.36 -26.81 -0.08
CA LEU A 22 32.14 -25.51 -0.67
C LEU A 22 33.42 -25.09 -1.40
N SER A 23 34.55 -25.43 -0.82
CA SER A 23 35.83 -25.07 -1.41
C SER A 23 36.07 -25.75 -2.75
N GLU A 24 35.58 -26.99 -2.90
CA GLU A 24 35.67 -27.68 -4.18
C GLU A 24 34.98 -26.84 -5.23
N VAL A 25 33.74 -26.46 -4.93
CA VAL A 25 32.93 -25.64 -5.83
C VAL A 25 33.65 -24.32 -6.13
N LEU A 26 34.13 -23.64 -5.09
CA LEU A 26 34.73 -22.33 -5.27
C LEU A 26 36.00 -22.39 -6.12
N ASP A 27 36.77 -23.47 -5.96
CA ASP A 27 38.05 -23.65 -6.65
C ASP A 27 37.88 -24.11 -8.10
N SER A 28 36.75 -24.74 -8.39
CA SER A 28 36.52 -25.36 -9.70
C SER A 28 36.33 -24.34 -10.82
N GLY A 29 35.84 -23.15 -10.48
CA GLY A 29 35.49 -22.16 -11.46
C GLY A 29 34.09 -22.38 -12.02
N ASP A 30 33.38 -23.36 -11.46
CA ASP A 30 32.05 -23.74 -11.94
C ASP A 30 30.91 -23.25 -11.04
N LEU A 31 31.20 -22.30 -10.15
CA LEU A 31 30.18 -21.81 -9.23
C LEU A 31 28.90 -21.38 -9.96
N MET A 32 29.05 -20.62 -11.04
CA MET A 32 27.90 -20.12 -11.81
C MET A 32 26.92 -21.22 -12.21
N LYS A 33 27.44 -22.42 -12.46
CA LYS A 33 26.59 -23.54 -12.84
C LYS A 33 25.79 -24.08 -11.65
N PHE A 34 26.41 -24.17 -10.47
CA PHE A 34 25.68 -24.61 -9.27
C PHE A 34 24.64 -23.59 -8.84
N ALA A 35 24.91 -22.32 -9.09
CA ALA A 35 24.08 -21.25 -8.54
C ALA A 35 22.75 -21.09 -9.26
N VAL A 36 22.69 -21.53 -10.52
CA VAL A 36 21.44 -21.43 -11.28
C VAL A 36 20.71 -22.78 -11.40
N ASP A 37 21.19 -23.77 -10.65
CA ASP A 37 20.58 -25.10 -10.65
C ASP A 37 19.85 -25.29 -9.33
N LYS A 38 18.65 -25.87 -9.37
CA LYS A 38 17.85 -26.00 -8.15
C LYS A 38 18.60 -26.70 -7.03
N THR A 39 19.19 -27.85 -7.35
CA THR A 39 19.89 -28.65 -6.36
C THR A 39 21.20 -28.00 -5.90
N GLY A 40 21.94 -27.44 -6.85
CA GLY A 40 23.18 -26.73 -6.56
C GLY A 40 22.92 -25.54 -5.64
N CYS A 41 21.88 -24.78 -5.98
CA CYS A 41 21.45 -23.64 -5.19
C CYS A 41 21.18 -24.02 -3.74
N GLN A 42 20.58 -25.19 -3.52
CA GLN A 42 20.24 -25.58 -2.15
C GLN A 42 21.48 -26.05 -1.38
N PHE A 43 22.43 -26.67 -2.08
CA PHE A 43 23.70 -27.02 -1.45
C PHE A 43 24.44 -25.75 -1.02
N LEU A 44 24.51 -24.78 -1.93
CA LEU A 44 25.17 -23.50 -1.65
C LEU A 44 24.48 -22.75 -0.52
N GLU A 45 23.16 -22.77 -0.53
CA GLU A 45 22.34 -22.10 0.47
C GLU A 45 22.74 -22.54 1.88
N LYS A 46 22.94 -23.84 2.05
CA LYS A 46 23.33 -24.33 3.37
C LYS A 46 24.83 -24.13 3.62
N ALA A 47 25.63 -24.29 2.58
CA ALA A 47 27.09 -24.14 2.69
C ALA A 47 27.48 -22.73 3.09
N VAL A 48 26.80 -21.75 2.51
CA VAL A 48 27.11 -20.35 2.72
C VAL A 48 26.66 -19.83 4.10
N LYS A 49 25.79 -20.60 4.76
CA LYS A 49 25.25 -20.24 6.07
C LYS A 49 26.17 -20.63 7.23
N GLY A 50 27.13 -21.52 6.96
CA GLY A 50 27.96 -22.08 8.01
C GLY A 50 29.18 -21.24 8.29
N SER A 51 30.20 -21.82 8.91
CA SER A 51 31.44 -21.11 9.13
C SER A 51 32.14 -20.97 7.80
N LEU A 52 32.76 -19.82 7.59
CA LEU A 52 33.46 -19.56 6.36
C LEU A 52 34.78 -18.96 6.73
N THR A 53 35.86 -19.53 6.21
CA THR A 53 37.20 -18.96 6.38
C THR A 53 37.32 -17.74 5.48
N SER A 54 38.38 -16.98 5.69
CA SER A 54 38.53 -15.71 4.98
C SER A 54 38.54 -15.92 3.46
N TYR A 55 39.28 -16.91 2.99
CA TYR A 55 39.42 -17.13 1.55
C TYR A 55 38.13 -17.61 0.91
N GLN A 56 37.33 -18.36 1.65
CA GLN A 56 36.03 -18.78 1.17
C GLN A 56 35.16 -17.55 0.94
N LYS A 57 35.18 -16.63 1.89
CA LYS A 57 34.44 -15.39 1.73
C LYS A 57 34.98 -14.60 0.52
N PHE A 58 36.30 -14.52 0.43
CA PHE A 58 36.95 -13.76 -0.62
C PHE A 58 36.52 -14.28 -2.01
N GLN A 59 36.50 -15.59 -2.15
CA GLN A 59 36.15 -16.20 -3.42
C GLN A 59 34.69 -15.93 -3.74
N LEU A 60 33.83 -15.95 -2.72
CA LEU A 60 32.42 -15.63 -2.94
C LEU A 60 32.23 -14.19 -3.36
N PHE A 61 32.96 -13.29 -2.69
CA PHE A 61 32.88 -11.87 -3.01
C PHE A 61 33.24 -11.62 -4.48
N GLU A 62 34.34 -12.22 -4.92
CA GLU A 62 34.82 -12.06 -6.29
C GLU A 62 33.91 -12.72 -7.32
N GLN A 63 33.45 -13.93 -7.04
CA GLN A 63 32.70 -14.67 -8.04
C GLN A 63 31.20 -14.31 -8.07
N VAL A 64 30.67 -13.83 -6.95
CA VAL A 64 29.22 -13.58 -6.90
C VAL A 64 28.88 -12.09 -7.03
N ILE A 65 29.69 -11.22 -6.43
CA ILE A 65 29.42 -9.78 -6.51
C ILE A 65 30.61 -8.96 -6.98
N GLY A 66 31.60 -9.63 -7.57
CA GLY A 66 32.84 -8.97 -7.96
C GLY A 66 32.90 -8.50 -9.41
N ARG A 67 32.11 -9.14 -10.28
CA ARG A 67 32.07 -8.79 -11.69
C ARG A 67 30.64 -8.52 -12.13
N LYS A 68 30.43 -7.41 -12.82
CA LYS A 68 29.10 -6.94 -13.17
C LYS A 68 28.24 -7.97 -13.89
N ASP A 69 28.82 -8.64 -14.87
CA ASP A 69 28.07 -9.55 -15.74
C ASP A 69 27.55 -10.77 -14.99
N ASP A 70 28.39 -11.40 -14.19
CA ASP A 70 27.97 -12.57 -13.43
C ASP A 70 27.03 -12.16 -12.29
N PHE A 71 27.25 -10.96 -11.75
CA PHE A 71 26.35 -10.38 -10.75
C PHE A 71 24.94 -10.24 -11.31
N LEU A 72 24.82 -9.62 -12.48
CA LEU A 72 23.53 -9.42 -13.14
C LEU A 72 22.87 -10.74 -13.48
N LYS A 73 23.67 -11.68 -13.99
CA LYS A 73 23.20 -13.00 -14.37
C LYS A 73 22.60 -13.78 -13.19
N LEU A 74 23.27 -13.77 -12.05
CA LEU A 74 22.73 -14.44 -10.86
C LEU A 74 21.52 -13.72 -10.26
N SER A 75 21.55 -12.40 -10.30
CA SER A 75 20.50 -11.59 -9.70
C SER A 75 19.16 -11.79 -10.40
N THR A 76 19.22 -11.98 -11.72
CA THR A 76 18.01 -12.14 -12.52
C THR A 76 17.63 -13.60 -12.64
N ASN A 77 18.31 -14.45 -11.89
CA ASN A 77 18.02 -15.88 -11.96
C ASN A 77 17.10 -16.35 -10.85
N ILE A 78 16.18 -17.24 -11.20
CA ILE A 78 15.22 -17.78 -10.25
C ILE A 78 15.90 -18.38 -9.01
N PHE A 79 17.03 -19.03 -9.19
CA PHE A 79 17.76 -19.59 -8.05
C PHE A 79 18.94 -18.71 -7.59
N GLY A 80 19.63 -18.10 -8.53
CA GLY A 80 20.83 -17.33 -8.23
C GLY A 80 20.59 -16.09 -7.39
N ASN A 81 19.42 -15.49 -7.47
CA ASN A 81 19.18 -14.25 -6.73
C ASN A 81 19.35 -14.45 -5.22
N TYR A 82 19.11 -15.69 -4.75
CA TYR A 82 19.26 -16.00 -3.33
C TYR A 82 20.72 -15.99 -2.89
N LEU A 83 21.58 -16.58 -3.71
CA LEU A 83 23.01 -16.60 -3.42
C LEU A 83 23.56 -15.18 -3.37
N VAL A 84 23.14 -14.36 -4.32
CA VAL A 84 23.54 -12.95 -4.35
C VAL A 84 23.21 -12.27 -3.03
N GLN A 85 21.98 -12.47 -2.53
CA GLN A 85 21.56 -11.80 -1.31
C GLN A 85 22.34 -12.28 -0.11
N SER A 86 22.61 -13.59 -0.03
CA SER A 86 23.46 -14.14 1.02
C SER A 86 24.85 -13.52 1.01
N VAL A 87 25.47 -13.49 -0.16
CA VAL A 87 26.85 -13.00 -0.28
C VAL A 87 26.89 -11.51 0.05
N ILE A 88 25.88 -10.77 -0.37
CA ILE A 88 25.79 -9.37 -0.01
C ILE A 88 25.75 -9.23 1.51
N GLY A 89 24.92 -10.05 2.16
CA GLY A 89 24.86 -10.08 3.61
C GLY A 89 26.24 -10.34 4.25
N ILE A 90 26.92 -11.38 3.78
CA ILE A 90 28.25 -11.70 4.30
C ILE A 90 29.27 -10.57 4.03
N SER A 91 29.19 -9.96 2.84
CA SER A 91 30.09 -8.84 2.52
C SER A 91 29.94 -7.67 3.49
N LEU A 92 28.69 -7.35 3.83
CA LEU A 92 28.39 -6.26 4.75
C LEU A 92 28.74 -6.60 6.20
N ALA A 93 28.87 -7.89 6.49
CA ALA A 93 29.26 -8.31 7.84
C ALA A 93 30.76 -8.47 7.97
N THR A 94 31.50 -8.28 6.87
CA THR A 94 32.93 -8.57 6.88
C THR A 94 33.78 -7.29 6.78
N ASN A 95 34.20 -6.80 7.93
CA ASN A 95 34.86 -5.50 8.03
C ASN A 95 36.37 -5.56 7.84
N ASP A 96 36.80 -6.19 6.76
CA ASP A 96 38.21 -6.17 6.45
C ASP A 96 38.52 -4.99 5.54
N ASP A 97 39.76 -4.90 5.11
CA ASP A 97 40.18 -3.75 4.33
C ASP A 97 39.43 -3.61 3.00
N GLY A 98 38.80 -4.70 2.53
CA GLY A 98 38.08 -4.68 1.27
C GLY A 98 36.61 -4.29 1.36
N TYR A 99 36.12 -4.06 2.57
CA TYR A 99 34.71 -3.76 2.81
C TYR A 99 34.19 -2.62 1.94
N THR A 100 34.93 -1.52 1.96
CA THR A 100 34.47 -0.30 1.30
C THR A 100 34.40 -0.46 -0.22
N LYS A 101 35.48 -0.95 -0.82
CA LYS A 101 35.50 -1.19 -2.26
C LYS A 101 34.41 -2.19 -2.69
N ARG A 102 34.22 -3.29 -1.96
CA ARG A 102 33.15 -4.24 -2.30
C ARG A 102 31.80 -3.54 -2.31
N GLN A 103 31.54 -2.72 -1.30
CA GLN A 103 30.23 -2.09 -1.20
C GLN A 103 30.06 -1.04 -2.29
N GLU A 104 31.14 -0.31 -2.58
CA GLU A 104 31.14 0.71 -3.62
C GLU A 104 30.87 0.10 -5.00
N LYS A 105 31.47 -1.05 -5.24
CA LYS A 105 31.28 -1.74 -6.51
C LYS A 105 29.84 -2.24 -6.66
N LEU A 106 29.31 -2.80 -5.59
CA LEU A 106 27.95 -3.29 -5.56
C LEU A 106 26.99 -2.15 -5.90
N LYS A 107 27.21 -1.01 -5.25
CA LYS A 107 26.43 0.20 -5.50
C LYS A 107 26.52 0.60 -6.97
N ASN A 108 27.71 0.50 -7.56
CA ASN A 108 27.87 0.85 -8.97
C ASN A 108 27.21 -0.11 -9.95
N PHE A 109 27.23 -1.41 -9.63
CA PHE A 109 26.61 -2.39 -10.52
C PHE A 109 25.10 -2.15 -10.57
N ILE A 110 24.49 -2.03 -9.40
CA ILE A 110 23.04 -1.91 -9.33
C ILE A 110 22.59 -0.57 -9.92
N SER A 111 23.26 0.51 -9.56
CA SER A 111 22.94 1.84 -10.06
C SER A 111 22.91 1.90 -11.59
N SER A 112 23.87 1.24 -12.23
CA SER A 112 24.00 1.29 -13.68
C SER A 112 22.89 0.52 -14.39
N GLN A 113 22.19 -0.34 -13.67
CA GLN A 113 21.12 -1.17 -14.23
C GLN A 113 19.86 -1.10 -13.37
N MET A 114 19.61 0.07 -12.78
CA MET A 114 18.57 0.19 -11.76
C MET A 114 17.20 -0.19 -12.29
N THR A 115 16.80 0.42 -13.40
CA THR A 115 15.46 0.19 -13.92
C THR A 115 15.26 -1.27 -14.29
N ASP A 116 16.23 -1.83 -14.99
CA ASP A 116 16.17 -3.22 -15.44
C ASP A 116 16.06 -4.20 -14.28
N MET A 117 16.84 -3.98 -13.23
CA MET A 117 16.81 -4.85 -12.06
C MET A 117 15.51 -4.72 -11.27
N CYS A 118 15.02 -3.48 -11.12
CA CYS A 118 13.75 -3.26 -10.41
C CYS A 118 12.60 -3.97 -11.11
N LEU A 119 12.58 -3.92 -12.45
CA LEU A 119 11.49 -4.52 -13.22
C LEU A 119 11.59 -6.04 -13.30
N ASP A 120 12.77 -6.56 -13.01
CA ASP A 120 12.97 -7.99 -13.07
C ASP A 120 12.42 -8.65 -11.80
N LYS A 121 11.67 -9.73 -11.99
CA LYS A 121 11.01 -10.42 -10.88
C LYS A 121 11.99 -10.85 -9.79
N PHE A 122 13.21 -11.18 -10.20
CA PHE A 122 14.16 -11.74 -9.26
C PHE A 122 15.17 -10.69 -8.77
N ALA A 123 15.64 -9.84 -9.67
CA ALA A 123 16.63 -8.84 -9.31
C ALA A 123 16.04 -7.78 -8.39
N CYS A 124 14.70 -7.61 -8.45
CA CYS A 124 14.06 -6.64 -7.58
C CYS A 124 14.20 -7.08 -6.12
N ARG A 125 14.38 -8.38 -5.90
CA ARG A 125 14.61 -8.92 -4.57
C ARG A 125 16.01 -8.57 -4.08
N VAL A 126 16.97 -8.57 -5.00
CA VAL A 126 18.34 -8.18 -4.69
C VAL A 126 18.39 -6.70 -4.33
N ILE A 127 17.60 -5.90 -5.04
CA ILE A 127 17.54 -4.47 -4.76
C ILE A 127 16.95 -4.18 -3.38
N GLN A 128 15.83 -4.84 -3.06
CA GLN A 128 15.19 -4.64 -1.77
C GLN A 128 16.14 -5.03 -0.65
N SER A 129 16.79 -6.16 -0.83
CA SER A 129 17.74 -6.70 0.11
C SER A 129 18.91 -5.71 0.31
N SER A 130 19.37 -5.13 -0.79
CA SER A 130 20.49 -4.19 -0.73
C SER A 130 20.08 -2.88 -0.04
N LEU A 131 18.88 -2.38 -0.34
CA LEU A 131 18.39 -1.16 0.32
C LEU A 131 18.33 -1.33 1.83
N GLN A 132 17.95 -2.51 2.28
CA GLN A 132 17.80 -2.80 3.69
C GLN A 132 19.12 -3.02 4.40
N ASN A 133 20.09 -3.60 3.70
CA ASN A 133 21.31 -4.08 4.36
C ASN A 133 22.56 -3.25 4.14
N MET A 134 22.62 -2.50 3.05
CA MET A 134 23.77 -1.65 2.84
C MET A 134 23.78 -0.56 3.90
N ASP A 135 24.95 0.04 4.12
CA ASP A 135 25.04 1.25 4.89
C ASP A 135 24.08 2.25 4.27
N LEU A 136 23.37 2.99 5.12
CA LEU A 136 22.37 3.93 4.66
C LEU A 136 22.91 4.85 3.58
N SER A 137 24.12 5.40 3.79
CA SER A 137 24.65 6.36 2.82
C SER A 137 24.77 5.77 1.41
N LEU A 138 25.07 4.47 1.30
CA LEU A 138 25.13 3.86 -0.02
C LEU A 138 23.75 3.43 -0.53
N ALA A 139 22.87 3.04 0.38
CA ALA A 139 21.49 2.75 0.00
C ALA A 139 20.87 3.99 -0.62
N CYS A 140 21.17 5.16 -0.05
CA CYS A 140 20.69 6.43 -0.60
C CYS A 140 21.15 6.70 -2.03
N LYS A 141 22.34 6.19 -2.38
CA LYS A 141 22.83 6.31 -3.74
C LYS A 141 22.00 5.47 -4.71
N LEU A 142 21.42 4.37 -4.23
CA LEU A 142 20.60 3.52 -5.09
C LEU A 142 19.31 4.22 -5.40
N VAL A 143 18.77 4.89 -4.39
CA VAL A 143 17.50 5.60 -4.55
C VAL A 143 17.69 6.67 -5.61
N GLN A 144 18.83 7.34 -5.53
CA GLN A 144 19.16 8.44 -6.42
C GLN A 144 19.26 7.95 -7.86
N ALA A 145 19.52 6.66 -8.05
CA ALA A 145 19.61 6.07 -9.40
C ALA A 145 18.25 5.66 -9.98
N LEU A 146 17.18 5.80 -9.20
CA LEU A 146 15.85 5.54 -9.77
C LEU A 146 15.58 6.48 -10.94
N PRO A 147 14.89 5.99 -11.97
CA PRO A 147 14.55 6.84 -13.13
C PRO A 147 13.53 7.91 -12.71
N ARG A 148 13.41 8.99 -13.48
CA ARG A 148 12.51 10.10 -13.13
C ARG A 148 11.49 10.38 -14.22
N ASP A 149 11.38 9.45 -15.16
CA ASP A 149 10.46 9.64 -16.28
C ASP A 149 9.37 8.56 -16.28
N ALA A 150 8.92 8.17 -17.46
CA ALA A 150 7.88 7.16 -17.59
C ALA A 150 8.28 5.82 -16.97
N ARG A 151 9.58 5.57 -16.90
CA ARG A 151 10.07 4.32 -16.32
C ARG A 151 9.72 4.22 -14.83
N LEU A 152 9.61 5.35 -14.16
CA LEU A 152 9.27 5.35 -12.74
C LEU A 152 7.83 4.93 -12.56
N ILE A 153 6.96 5.29 -13.51
CA ILE A 153 5.56 4.87 -13.45
C ILE A 153 5.47 3.35 -13.62
N ALA A 154 6.18 2.82 -14.61
CA ALA A 154 6.21 1.39 -14.87
C ALA A 154 6.71 0.63 -13.65
N ILE A 155 7.69 1.18 -12.95
CA ILE A 155 8.13 0.55 -11.70
C ILE A 155 6.97 0.51 -10.70
N CYS A 156 6.30 1.65 -10.52
CA CYS A 156 5.19 1.76 -9.59
C CYS A 156 4.02 0.81 -9.88
N VAL A 157 3.77 0.52 -11.16
CA VAL A 157 2.62 -0.30 -11.51
C VAL A 157 2.97 -1.78 -11.68
N ASP A 158 4.25 -2.11 -11.57
CA ASP A 158 4.67 -3.49 -11.74
C ASP A 158 4.41 -4.30 -10.47
N GLN A 159 3.90 -5.53 -10.62
CA GLN A 159 3.58 -6.35 -9.46
C GLN A 159 4.79 -6.66 -8.59
N ASN A 160 5.96 -6.74 -9.21
CA ASN A 160 7.18 -6.98 -8.45
C ASN A 160 7.92 -5.70 -8.09
N ALA A 161 8.11 -4.82 -9.08
CA ALA A 161 8.91 -3.61 -8.91
C ALA A 161 8.34 -2.64 -7.88
N ASN A 162 7.01 -2.62 -7.72
CA ASN A 162 6.43 -1.66 -6.80
C ASN A 162 6.97 -1.87 -5.40
N HIS A 163 7.36 -3.11 -5.10
CA HIS A 163 7.90 -3.44 -3.79
C HIS A 163 9.25 -2.77 -3.53
N VAL A 164 9.92 -2.35 -4.61
CA VAL A 164 11.16 -1.61 -4.46
C VAL A 164 10.83 -0.22 -3.91
N ILE A 165 9.78 0.41 -4.44
CA ILE A 165 9.39 1.73 -3.95
C ILE A 165 8.91 1.64 -2.51
N GLN A 166 8.19 0.56 -2.20
CA GLN A 166 7.72 0.37 -0.85
C GLN A 166 8.88 0.22 0.10
N LYS A 167 9.93 -0.48 -0.36
CA LYS A 167 11.09 -0.69 0.50
C LYS A 167 11.77 0.64 0.75
N VAL A 168 11.87 1.46 -0.29
CA VAL A 168 12.48 2.79 -0.15
C VAL A 168 11.76 3.61 0.94
N VAL A 169 10.43 3.63 0.86
CA VAL A 169 9.60 4.39 1.78
C VAL A 169 9.79 3.89 3.21
N ALA A 170 10.03 2.59 3.34
CA ALA A 170 10.17 1.96 4.64
C ALA A 170 11.52 2.21 5.30
N VAL A 171 12.61 2.18 4.53
CA VAL A 171 13.93 2.19 5.15
C VAL A 171 14.82 3.39 4.80
N ILE A 172 14.35 4.28 3.93
CA ILE A 172 15.12 5.44 3.53
C ILE A 172 14.48 6.71 4.09
N PRO A 173 15.29 7.67 4.57
CA PRO A 173 14.75 8.96 5.04
C PRO A 173 14.03 9.76 3.96
N LEU A 174 12.94 10.43 4.33
CA LEU A 174 12.12 11.17 3.38
C LEU A 174 12.92 12.11 2.46
N LYS A 175 13.88 12.81 3.03
CA LYS A 175 14.67 13.75 2.24
C LYS A 175 15.15 13.11 0.93
N ASN A 176 15.59 11.86 1.01
CA ASN A 176 16.15 11.19 -0.16
C ASN A 176 15.12 10.72 -1.20
N TRP A 177 13.87 10.54 -0.79
CA TRP A 177 12.84 10.12 -1.73
C TRP A 177 11.71 11.13 -1.91
N GLU A 178 11.91 12.34 -1.42
CA GLU A 178 10.90 13.40 -1.57
C GLU A 178 10.50 13.59 -3.05
N PHE A 179 11.44 13.36 -3.96
CA PHE A 179 11.15 13.55 -5.39
C PHE A 179 10.09 12.56 -5.88
N ILE A 180 9.96 11.44 -5.18
CA ILE A 180 8.94 10.45 -5.52
C ILE A 180 7.56 10.96 -5.19
N VAL A 181 7.44 11.65 -4.06
CA VAL A 181 6.17 12.22 -3.65
C VAL A 181 5.66 13.19 -4.69
N ASP A 182 6.51 14.13 -5.08
CA ASP A 182 6.16 15.12 -6.07
C ASP A 182 6.01 14.53 -7.47
N PHE A 183 6.76 13.48 -7.78
CA PHE A 183 6.56 12.80 -9.07
C PHE A 183 5.15 12.26 -9.12
N VAL A 184 4.76 11.57 -8.05
CA VAL A 184 3.47 10.92 -7.95
C VAL A 184 2.35 11.94 -7.92
N ALA A 185 2.62 13.08 -7.29
CA ALA A 185 1.63 14.14 -7.12
C ALA A 185 1.35 14.90 -8.41
N THR A 186 2.18 14.70 -9.44
CA THR A 186 1.92 15.30 -10.74
C THR A 186 0.63 14.70 -11.27
N PRO A 187 -0.37 15.54 -11.62
CA PRO A 187 -1.73 15.08 -11.95
C PRO A 187 -1.78 13.87 -12.90
N GLU A 188 -1.07 13.95 -14.02
CA GLU A 188 -1.10 12.85 -15.00
C GLU A 188 -0.45 11.57 -14.45
N HIS A 189 0.61 11.73 -13.65
CA HIS A 189 1.24 10.57 -13.01
C HIS A 189 0.30 9.94 -11.99
N LEU A 190 -0.29 10.76 -11.14
CA LEU A 190 -1.25 10.29 -10.15
C LEU A 190 -2.37 9.52 -10.84
N ARG A 191 -2.89 10.09 -11.93
CA ARG A 191 -3.94 9.44 -12.70
C ARG A 191 -3.57 8.01 -13.09
N GLN A 192 -2.41 7.87 -13.73
CA GLN A 192 -1.95 6.54 -14.15
C GLN A 192 -1.70 5.59 -12.98
N ILE A 193 -1.04 6.09 -11.95
CA ILE A 193 -0.62 5.25 -10.83
C ILE A 193 -1.79 4.77 -9.96
N CYS A 194 -2.74 5.66 -9.70
CA CYS A 194 -3.91 5.30 -8.89
C CYS A 194 -4.98 4.53 -9.66
N SER A 195 -4.85 4.44 -10.97
CA SER A 195 -5.78 3.64 -11.74
C SER A 195 -5.26 2.20 -11.86
N ASP A 196 -4.23 1.86 -11.09
CA ASP A 196 -3.58 0.55 -11.21
C ASP A 196 -3.56 -0.16 -9.85
N LYS A 197 -3.75 -1.48 -9.86
CA LYS A 197 -3.83 -2.20 -8.59
C LYS A 197 -2.57 -2.11 -7.75
N TYR A 198 -1.40 -2.18 -8.39
CA TYR A 198 -0.15 -2.06 -7.65
C TYR A 198 0.25 -0.62 -7.34
N GLY A 199 -0.02 0.29 -8.27
CA GLY A 199 0.29 1.70 -8.07
C GLY A 199 -0.43 2.25 -6.85
N CYS A 200 -1.70 1.88 -6.70
CA CYS A 200 -2.46 2.28 -5.53
C CYS A 200 -1.77 1.88 -4.22
N ARG A 201 -1.18 0.69 -4.19
CA ARG A 201 -0.48 0.21 -2.99
C ARG A 201 0.74 1.07 -2.67
N VAL A 202 1.38 1.57 -3.73
CA VAL A 202 2.51 2.45 -3.54
C VAL A 202 2.03 3.77 -2.90
N VAL A 203 0.99 4.38 -3.47
CA VAL A 203 0.46 5.63 -2.95
C VAL A 203 0.02 5.46 -1.50
N GLN A 204 -0.64 4.34 -1.22
CA GLN A 204 -1.11 4.07 0.13
C GLN A 204 0.05 4.04 1.12
N THR A 205 1.15 3.40 0.74
CA THR A 205 2.27 3.25 1.63
C THR A 205 2.93 4.59 1.88
N ILE A 206 2.99 5.40 0.83
CA ILE A 206 3.54 6.75 0.93
C ILE A 206 2.72 7.60 1.89
N ILE A 207 1.39 7.55 1.75
CA ILE A 207 0.48 8.28 2.63
C ILE A 207 0.69 7.90 4.08
N GLU A 208 0.72 6.61 4.37
CA GLU A 208 0.99 6.16 5.74
C GLU A 208 2.31 6.65 6.30
N LYS A 209 3.38 6.59 5.49
CA LYS A 209 4.69 7.04 5.95
C LYS A 209 4.70 8.55 6.20
N LEU A 210 3.93 9.28 5.41
CA LEU A 210 3.82 10.72 5.58
C LEU A 210 2.83 11.16 6.67
N THR A 211 2.24 10.20 7.38
CA THR A 211 1.21 10.54 8.37
C THR A 211 1.83 10.77 9.75
N ALA A 212 1.41 11.85 10.44
CA ALA A 212 1.93 12.14 11.79
C ALA A 212 1.25 11.27 12.84
N ASP A 213 1.54 9.99 12.83
CA ASP A 213 0.97 9.10 13.83
C ASP A 213 2.05 8.67 14.82
N SER A 214 1.75 7.64 15.59
CA SER A 214 2.65 7.22 16.67
C SER A 214 4.00 6.67 16.17
N MET A 215 4.05 6.26 14.90
CA MET A 215 5.29 5.77 14.31
C MET A 215 6.25 6.88 13.89
N ASN A 216 5.78 8.13 13.87
CA ASN A 216 6.65 9.24 13.50
C ASN A 216 6.96 10.21 14.64
N VAL A 217 6.60 9.86 15.87
CA VAL A 217 6.89 10.75 17.00
C VAL A 217 8.40 10.95 17.26
N ASP A 218 9.24 10.12 16.65
CA ASP A 218 10.69 10.22 16.83
C ASP A 218 11.35 11.27 15.93
N LEU A 219 10.59 11.84 15.01
CA LEU A 219 11.17 12.85 14.13
C LEU A 219 11.47 14.16 14.86
N THR A 220 12.55 14.84 14.46
CA THR A 220 12.80 16.21 14.93
C THR A 220 11.69 17.13 14.42
N SER A 221 11.56 18.32 15.03
CA SER A 221 10.65 19.34 14.55
C SER A 221 10.85 19.64 13.07
N ALA A 222 12.10 19.84 12.66
CA ALA A 222 12.37 20.17 11.26
C ALA A 222 11.97 19.05 10.32
N ALA A 223 12.19 17.80 10.73
CA ALA A 223 11.79 16.68 9.91
C ALA A 223 10.26 16.54 9.85
N GLN A 224 9.58 16.86 10.96
CA GLN A 224 8.11 16.82 10.99
C GLN A 224 7.54 17.80 9.98
N ASN A 225 8.19 18.95 9.87
CA ASN A 225 7.75 19.98 8.95
C ASN A 225 7.93 19.55 7.49
N LEU A 226 9.04 18.87 7.20
CA LEU A 226 9.29 18.37 5.86
C LEU A 226 8.23 17.32 5.49
N ARG A 227 7.90 16.46 6.44
CA ARG A 227 6.87 15.44 6.21
C ARG A 227 5.51 16.10 6.00
N GLU A 228 5.21 17.08 6.85
CA GLU A 228 3.92 17.77 6.82
C GLU A 228 3.68 18.43 5.48
N ARG A 229 4.70 19.11 4.96
CA ARG A 229 4.60 19.75 3.65
C ARG A 229 4.44 18.75 2.50
N ALA A 230 5.24 17.69 2.52
CA ALA A 230 5.11 16.62 1.52
C ALA A 230 3.70 16.05 1.50
N LEU A 231 3.16 15.75 2.67
CA LEU A 231 1.81 15.20 2.76
C LEU A 231 0.81 16.20 2.19
N GLN A 232 1.00 17.47 2.51
CA GLN A 232 0.06 18.50 2.08
C GLN A 232 0.07 18.63 0.54
N ARG A 233 1.24 18.50 -0.08
CA ARG A 233 1.32 18.57 -1.54
C ARG A 233 0.68 17.35 -2.17
N LEU A 234 0.93 16.18 -1.61
CA LEU A 234 0.34 14.96 -2.14
C LEU A 234 -1.18 14.99 -2.02
N MET A 235 -1.67 15.35 -0.83
CA MET A 235 -3.11 15.40 -0.57
C MET A 235 -3.80 16.45 -1.45
N THR A 236 -3.11 17.52 -1.79
CA THR A 236 -3.73 18.52 -2.66
C THR A 236 -4.04 17.86 -3.99
N SER A 237 -3.08 17.14 -4.51
CA SER A 237 -3.26 16.48 -5.80
C SER A 237 -4.33 15.37 -5.70
N VAL A 238 -4.30 14.62 -4.62
CA VAL A 238 -5.28 13.58 -4.40
C VAL A 238 -6.70 14.16 -4.33
N THR A 239 -6.86 15.24 -3.58
CA THR A 239 -8.19 15.82 -3.40
C THR A 239 -8.67 16.54 -4.67
N ASN A 240 -7.74 17.01 -5.50
CA ASN A 240 -8.11 17.56 -6.81
C ASN A 240 -8.72 16.52 -7.77
N ARG A 241 -8.34 15.25 -7.63
CA ARG A 241 -8.89 14.19 -8.50
C ARG A 241 -9.81 13.29 -7.68
N CYS A 242 -10.36 13.82 -6.60
CA CYS A 242 -11.09 13.01 -5.64
C CYS A 242 -12.26 12.19 -6.21
N GLN A 243 -13.05 12.77 -7.10
CA GLN A 243 -14.20 12.04 -7.62
C GLN A 243 -13.72 10.84 -8.45
N GLU A 244 -12.76 11.09 -9.33
CA GLU A 244 -12.15 10.01 -10.13
C GLU A 244 -11.56 8.90 -9.24
N LEU A 245 -10.86 9.28 -8.19
CA LEU A 245 -10.24 8.28 -7.32
C LEU A 245 -11.27 7.51 -6.49
N ALA A 246 -12.27 8.21 -5.97
CA ALA A 246 -13.31 7.58 -5.16
C ALA A 246 -14.18 6.60 -5.94
N THR A 247 -14.38 6.87 -7.23
CA THR A 247 -15.20 5.99 -8.06
C THR A 247 -14.39 4.91 -8.77
N ASN A 248 -13.06 4.97 -8.63
CA ASN A 248 -12.20 4.00 -9.28
C ASN A 248 -12.11 2.67 -8.55
N GLU A 249 -11.99 1.60 -9.32
CA GLU A 249 -11.95 0.24 -8.80
C GLU A 249 -10.83 -0.03 -7.77
N TYR A 250 -9.72 0.68 -7.88
CA TYR A 250 -8.62 0.47 -6.95
C TYR A 250 -8.45 1.63 -5.98
N ALA A 251 -8.61 2.85 -6.47
CA ALA A 251 -8.26 4.02 -5.67
C ALA A 251 -9.30 4.38 -4.63
N ASN A 252 -10.49 3.77 -4.74
CA ASN A 252 -11.50 3.95 -3.71
C ASN A 252 -10.95 3.54 -2.33
N TYR A 253 -10.04 2.57 -2.30
CA TYR A 253 -9.41 2.14 -1.04
C TYR A 253 -8.56 3.24 -0.42
N ILE A 254 -7.88 4.01 -1.28
CA ILE A 254 -7.07 5.14 -0.81
C ILE A 254 -7.97 6.23 -0.22
N ILE A 255 -9.07 6.52 -0.91
CA ILE A 255 -10.00 7.54 -0.42
C ILE A 255 -10.59 7.09 0.90
N GLN A 256 -10.97 5.81 0.99
CA GLN A 256 -11.50 5.27 2.24
C GLN A 256 -10.48 5.41 3.36
N HIS A 257 -9.21 5.14 3.08
CA HIS A 257 -8.20 5.22 4.12
C HIS A 257 -8.07 6.64 4.68
N ILE A 258 -8.12 7.64 3.80
CA ILE A 258 -7.97 9.01 4.23
C ILE A 258 -9.17 9.43 5.08
N VAL A 259 -10.35 9.03 4.64
CA VAL A 259 -11.56 9.32 5.36
C VAL A 259 -11.62 8.64 6.73
N SER A 260 -11.12 7.41 6.81
CA SER A 260 -11.19 6.62 8.04
C SER A 260 -10.12 6.96 9.08
N ASN A 261 -9.09 7.71 8.68
CA ASN A 261 -7.95 7.92 9.56
C ASN A 261 -8.02 9.26 10.30
N ASP A 262 -8.19 9.21 11.61
CA ASP A 262 -8.28 10.44 12.41
C ASP A 262 -7.05 11.30 12.25
N ASP A 263 -5.91 10.66 12.02
CA ASP A 263 -4.66 11.41 11.86
C ASP A 263 -4.60 12.18 10.54
N LEU A 264 -5.60 11.95 9.69
CA LEU A 264 -5.73 12.67 8.42
C LEU A 264 -7.03 13.47 8.40
N ALA A 265 -7.53 13.78 9.60
CA ALA A 265 -8.82 14.45 9.76
C ALA A 265 -8.99 15.65 8.86
N VAL A 266 -7.98 16.51 8.78
CA VAL A 266 -8.13 17.70 7.93
C VAL A 266 -8.37 17.32 6.45
N TYR A 267 -7.78 16.22 5.99
CA TYR A 267 -7.95 15.80 4.60
C TYR A 267 -9.24 15.06 4.39
N ARG A 268 -9.68 14.36 5.42
CA ARG A 268 -11.00 13.75 5.38
C ARG A 268 -12.11 14.79 5.16
N GLU A 269 -12.06 15.90 5.91
CA GLU A 269 -13.10 16.91 5.80
C GLU A 269 -13.07 17.61 4.45
N CYS A 270 -11.86 17.80 3.93
CA CYS A 270 -11.69 18.35 2.60
C CYS A 270 -12.39 17.46 1.57
N ILE A 271 -12.13 16.15 1.64
CA ILE A 271 -12.74 15.19 0.73
C ILE A 271 -14.28 15.16 0.84
N ILE A 272 -14.78 15.16 2.07
CA ILE A 272 -16.22 15.14 2.28
C ILE A 272 -16.90 16.41 1.72
N GLU A 273 -16.35 17.57 2.05
CA GLU A 273 -16.92 18.84 1.63
C GLU A 273 -16.81 19.08 0.12
N LYS A 274 -15.65 18.81 -0.43
CA LYS A 274 -15.38 19.20 -1.81
C LYS A 274 -15.69 18.11 -2.82
N CYS A 275 -15.87 16.90 -2.34
CA CYS A 275 -16.09 15.79 -3.25
C CYS A 275 -17.41 15.02 -3.01
N LEU A 276 -17.67 14.64 -1.77
CA LEU A 276 -18.82 13.77 -1.48
C LEU A 276 -20.13 14.53 -1.38
N MET A 277 -20.11 15.65 -0.65
CA MET A 277 -21.31 16.46 -0.42
C MET A 277 -21.97 16.87 -1.74
N ARG A 278 -23.29 16.75 -1.80
CA ARG A 278 -24.10 17.09 -2.98
C ARG A 278 -24.09 15.98 -4.01
N ASN A 279 -23.29 14.94 -3.75
CA ASN A 279 -23.18 13.81 -4.66
C ASN A 279 -23.49 12.49 -3.97
N LEU A 280 -24.06 12.55 -2.77
CA LEU A 280 -24.25 11.34 -1.97
C LEU A 280 -25.16 10.33 -2.63
N LEU A 281 -26.28 10.80 -3.19
CA LEU A 281 -27.23 9.89 -3.81
C LEU A 281 -26.60 9.10 -4.97
N SER A 282 -25.94 9.80 -5.90
CA SER A 282 -25.35 9.10 -7.04
C SER A 282 -24.15 8.23 -6.65
N LEU A 283 -23.29 8.73 -5.77
CA LEU A 283 -22.14 7.94 -5.31
C LEU A 283 -22.60 6.67 -4.58
N SER A 284 -23.71 6.77 -3.87
CA SER A 284 -24.26 5.64 -3.14
C SER A 284 -24.71 4.52 -4.06
N GLN A 285 -24.97 4.85 -5.33
CA GLN A 285 -25.41 3.85 -6.29
C GLN A 285 -24.27 3.28 -7.13
N GLU A 286 -23.05 3.64 -6.80
CA GLU A 286 -21.89 3.08 -7.51
C GLU A 286 -21.24 1.94 -6.77
N LYS A 287 -20.80 0.93 -7.52
CA LYS A 287 -20.16 -0.25 -6.93
C LYS A 287 -18.99 0.11 -6.05
N PHE A 288 -18.09 0.95 -6.54
CA PHE A 288 -16.91 1.28 -5.76
C PHE A 288 -17.13 2.46 -4.79
N ALA A 289 -17.72 3.55 -5.27
CA ALA A 289 -17.93 4.74 -4.43
C ALA A 289 -18.87 4.54 -3.25
N SER A 290 -19.79 3.57 -3.34
CA SER A 290 -20.70 3.31 -2.22
C SER A 290 -19.92 3.04 -0.92
N HIS A 291 -18.75 2.40 -1.06
CA HIS A 291 -17.91 2.11 0.11
C HIS A 291 -17.29 3.36 0.73
N VAL A 292 -16.94 4.33 -0.11
CA VAL A 292 -16.41 5.62 0.33
C VAL A 292 -17.52 6.38 1.06
N VAL A 293 -18.74 6.28 0.56
CA VAL A 293 -19.88 6.95 1.20
C VAL A 293 -20.13 6.39 2.60
N GLU A 294 -20.05 5.08 2.75
CA GLU A 294 -20.18 4.49 4.09
C GLU A 294 -19.10 5.00 5.06
N LYS A 295 -17.85 5.03 4.62
CA LYS A 295 -16.76 5.54 5.46
C LYS A 295 -17.00 6.98 5.88
N ALA A 296 -17.56 7.76 4.97
CA ALA A 296 -17.80 9.17 5.22
C ALA A 296 -18.87 9.38 6.28
N PHE A 297 -19.93 8.58 6.23
CA PHE A 297 -20.95 8.63 7.26
C PHE A 297 -20.40 8.20 8.61
N LEU A 298 -19.54 7.18 8.60
CA LEU A 298 -18.99 6.61 9.84
C LEU A 298 -18.00 7.54 10.54
N HIS A 299 -17.30 8.37 9.77
CA HIS A 299 -16.18 9.15 10.31
C HIS A 299 -16.32 10.66 10.19
N ALA A 300 -17.38 11.15 9.55
CA ALA A 300 -17.60 12.58 9.43
C ALA A 300 -17.76 13.19 10.81
N PRO A 301 -17.23 14.41 11.01
CA PRO A 301 -17.47 15.15 12.25
C PRO A 301 -18.95 15.51 12.27
N LEU A 302 -19.52 15.63 13.46
CA LEU A 302 -20.97 15.76 13.61
C LEU A 302 -21.59 16.86 12.75
N GLU A 303 -20.90 17.97 12.60
CA GLU A 303 -21.42 19.06 11.77
C GLU A 303 -21.57 18.63 10.30
N LEU A 304 -20.59 17.94 9.76
CA LEU A 304 -20.71 17.47 8.37
C LEU A 304 -21.71 16.32 8.28
N LEU A 305 -21.70 15.45 9.29
CA LEU A 305 -22.62 14.32 9.34
C LEU A 305 -24.07 14.81 9.21
N ALA A 306 -24.40 15.88 9.93
CA ALA A 306 -25.75 16.47 9.87
C ALA A 306 -26.08 16.97 8.48
N GLU A 307 -25.10 17.55 7.78
CA GLU A 307 -25.32 17.97 6.39
C GLU A 307 -25.53 16.77 5.46
N MET A 308 -24.80 15.68 5.71
CA MET A 308 -24.99 14.47 4.91
C MET A 308 -26.38 13.86 5.08
N MET A 309 -26.82 13.80 6.33
CA MET A 309 -28.13 13.26 6.68
C MET A 309 -29.21 14.09 6.03
N ASP A 310 -29.14 15.42 6.21
CA ASP A 310 -30.08 16.35 5.59
C ASP A 310 -30.13 16.17 4.08
N GLU A 311 -28.98 15.91 3.48
CA GLU A 311 -28.92 15.78 2.03
C GLU A 311 -29.73 14.57 1.60
N ILE A 312 -29.60 13.46 2.33
CA ILE A 312 -30.40 12.27 2.05
C ILE A 312 -31.90 12.47 2.37
N PHE A 313 -32.21 13.00 3.54
CA PHE A 313 -33.61 13.07 3.97
C PHE A 313 -34.40 14.14 3.22
N ASP A 314 -33.72 15.18 2.80
CA ASP A 314 -34.38 16.27 2.11
C ASP A 314 -33.93 16.29 0.66
N GLY A 315 -33.60 15.12 0.15
CA GLY A 315 -33.13 14.99 -1.23
C GLY A 315 -34.23 15.00 -2.26
N TYR A 316 -34.45 16.16 -2.89
CA TYR A 316 -35.44 16.30 -3.96
C TYR A 316 -34.97 15.72 -5.29
N ILE A 317 -35.76 14.77 -5.80
CA ILE A 317 -35.52 14.14 -7.10
C ILE A 317 -36.39 14.81 -8.18
N PRO A 318 -35.77 15.66 -9.01
CA PRO A 318 -36.49 16.41 -10.06
C PRO A 318 -37.41 15.50 -10.87
N HIS A 319 -36.86 14.43 -11.42
CA HIS A 319 -37.64 13.46 -12.20
C HIS A 319 -37.38 12.05 -11.72
N PRO A 320 -38.17 11.61 -10.72
CA PRO A 320 -38.07 10.29 -10.07
C PRO A 320 -38.39 9.16 -11.03
N ASP A 321 -37.36 8.46 -11.49
CA ASP A 321 -37.56 7.34 -12.39
C ASP A 321 -37.27 6.01 -11.69
N THR A 322 -36.55 6.07 -10.57
CA THR A 322 -36.11 4.86 -9.88
C THR A 322 -36.60 4.79 -8.43
N GLY A 323 -37.43 5.76 -8.04
CA GLY A 323 -37.92 5.89 -6.68
C GLY A 323 -38.28 7.34 -6.35
N LYS A 324 -39.16 7.54 -5.37
CA LYS A 324 -39.72 8.86 -5.12
C LYS A 324 -38.71 9.85 -4.53
N ASP A 325 -37.75 9.36 -3.75
CA ASP A 325 -36.79 10.23 -3.08
C ASP A 325 -35.52 9.46 -2.82
N ALA A 326 -34.49 10.14 -2.32
CA ALA A 326 -33.18 9.52 -2.20
C ALA A 326 -33.24 8.25 -1.35
N LEU A 327 -33.86 8.37 -0.19
CA LEU A 327 -34.05 7.23 0.71
C LEU A 327 -34.71 6.05 0.00
N ASP A 328 -35.76 6.34 -0.77
CA ASP A 328 -36.49 5.30 -1.48
C ASP A 328 -35.63 4.61 -2.56
N ILE A 329 -34.92 5.41 -3.35
CA ILE A 329 -33.98 4.89 -4.33
C ILE A 329 -32.89 4.03 -3.64
N MET A 330 -32.27 4.56 -2.58
CA MET A 330 -31.16 3.83 -1.93
C MET A 330 -31.56 2.51 -1.24
N MET A 331 -32.68 2.52 -0.53
CA MET A 331 -33.12 1.34 0.20
C MET A 331 -33.26 0.12 -0.69
N PHE A 332 -33.65 0.34 -1.94
CA PHE A 332 -33.98 -0.75 -2.84
C PHE A 332 -32.97 -0.90 -3.96
N HIS A 333 -31.82 -0.21 -3.80
CA HIS A 333 -30.77 -0.30 -4.79
C HIS A 333 -29.74 -1.33 -4.36
N GLN A 334 -29.11 -2.00 -5.32
CA GLN A 334 -28.17 -3.08 -5.05
C GLN A 334 -26.94 -2.65 -4.26
N PHE A 335 -26.53 -1.39 -4.41
CA PHE A 335 -25.39 -0.89 -3.63
C PHE A 335 -25.84 0.12 -2.59
N GLY A 336 -26.81 0.95 -2.96
CA GLY A 336 -27.31 1.99 -2.06
C GLY A 336 -27.88 1.43 -0.76
N ASN A 337 -28.46 0.23 -0.79
CA ASN A 337 -29.06 -0.33 0.41
C ASN A 337 -28.06 -0.44 1.57
N TYR A 338 -26.78 -0.61 1.25
CA TYR A 338 -25.71 -0.71 2.24
C TYR A 338 -25.46 0.63 2.93
N VAL A 339 -25.59 1.70 2.16
CA VAL A 339 -25.42 3.05 2.72
C VAL A 339 -26.53 3.35 3.73
N VAL A 340 -27.75 2.92 3.44
CA VAL A 340 -28.85 3.19 4.35
C VAL A 340 -28.71 2.37 5.61
N GLN A 341 -28.25 1.12 5.47
CA GLN A 341 -28.03 0.26 6.63
C GLN A 341 -26.98 0.89 7.51
N CYS A 342 -25.99 1.49 6.87
CA CYS A 342 -24.94 2.20 7.58
C CYS A 342 -25.50 3.41 8.35
N MET A 343 -26.29 4.24 7.68
CA MET A 343 -26.93 5.38 8.36
C MET A 343 -27.72 4.91 9.59
N LEU A 344 -28.42 3.80 9.43
CA LEU A 344 -29.31 3.29 10.47
C LEU A 344 -28.53 2.82 11.67
N THR A 345 -27.47 2.06 11.39
CA THR A 345 -26.65 1.50 12.46
C THR A 345 -25.99 2.62 13.25
N ILE A 346 -25.57 3.67 12.55
CA ILE A 346 -24.97 4.82 13.20
C ILE A 346 -25.94 5.47 14.18
N CYS A 347 -27.18 5.64 13.75
CA CYS A 347 -28.18 6.27 14.62
C CYS A 347 -28.51 5.40 15.82
N CYS A 348 -28.72 4.11 15.57
CA CYS A 348 -29.02 3.18 16.64
C CYS A 348 -27.86 3.13 17.63
N ASP A 349 -26.64 3.18 17.12
CA ASP A 349 -25.45 3.19 17.97
C ASP A 349 -25.40 4.45 18.82
N ALA A 350 -25.75 5.58 18.24
CA ALA A 350 -25.75 6.84 18.96
C ALA A 350 -26.75 6.82 20.10
N VAL A 351 -28.00 6.48 19.76
CA VAL A 351 -29.09 6.56 20.71
C VAL A 351 -28.92 5.55 21.85
N SER A 352 -28.21 4.46 21.57
CA SER A 352 -28.00 3.43 22.58
C SER A 352 -26.65 3.55 23.32
N GLY A 353 -25.94 4.65 23.11
CA GLY A 353 -24.70 4.90 23.84
C GLY A 353 -23.44 4.24 23.30
N ARG A 354 -23.57 3.42 22.25
CA ARG A 354 -22.42 2.73 21.66
C ARG A 354 -21.53 3.69 20.87
N ARG A 355 -22.03 4.89 20.63
CA ARG A 355 -21.27 5.91 19.92
C ARG A 355 -21.43 7.24 20.63
N GLN A 356 -20.34 7.99 20.72
CA GLN A 356 -20.38 9.32 21.30
C GLN A 356 -21.28 10.24 20.48
N THR A 357 -22.11 11.03 21.16
CA THR A 357 -22.95 12.02 20.51
C THR A 357 -22.44 13.40 20.85
N LYS A 358 -21.51 13.44 21.79
CA LYS A 358 -21.00 14.69 22.31
C LYS A 358 -19.64 14.96 21.71
N GLU A 359 -19.62 15.81 20.68
CA GLU A 359 -18.38 16.12 19.99
C GLU A 359 -17.81 17.46 20.41
N GLY A 360 -16.68 17.41 21.12
CA GLY A 360 -15.98 18.60 21.58
C GLY A 360 -16.70 19.33 22.70
N GLY A 361 -17.46 18.58 23.51
CA GLY A 361 -18.18 19.17 24.62
C GLY A 361 -19.63 19.53 24.30
N TYR A 362 -20.03 19.33 23.05
CA TYR A 362 -21.37 19.66 22.61
C TYR A 362 -22.15 18.42 22.19
N ASP A 363 -23.45 18.38 22.54
CA ASP A 363 -24.22 17.15 22.42
C ASP A 363 -25.26 17.18 21.29
N HIS A 364 -25.05 16.34 20.28
CA HIS A 364 -25.93 16.23 19.13
C HIS A 364 -26.93 15.09 19.25
N ALA A 365 -27.16 14.64 20.47
CA ALA A 365 -28.08 13.53 20.72
C ALA A 365 -29.43 13.77 20.07
N ILE A 366 -29.90 15.00 20.13
CA ILE A 366 -31.23 15.32 19.62
C ILE A 366 -31.31 15.12 18.11
N SER A 367 -30.23 15.44 17.40
CA SER A 367 -30.16 15.23 15.95
C SER A 367 -30.17 13.76 15.59
N PHE A 368 -29.38 12.94 16.29
CA PHE A 368 -29.46 11.49 16.08
C PHE A 368 -30.87 10.91 16.31
N GLN A 369 -31.54 11.37 17.38
CA GLN A 369 -32.90 10.92 17.65
C GLN A 369 -33.82 11.32 16.51
N ASP A 370 -33.63 12.53 16.00
CA ASP A 370 -34.42 12.98 14.88
C ASP A 370 -34.18 12.09 13.64
N TRP A 371 -32.92 11.87 13.27
CA TRP A 371 -32.63 11.05 12.09
C TRP A 371 -33.17 9.63 12.25
N LEU A 372 -33.04 9.08 13.46
CA LEU A 372 -33.49 7.73 13.74
C LEU A 372 -35.00 7.63 13.61
N LYS A 373 -35.68 8.67 14.09
CA LYS A 373 -37.13 8.73 14.00
C LYS A 373 -37.60 8.71 12.54
N LYS A 374 -36.91 9.45 11.68
CA LYS A 374 -37.23 9.49 10.26
C LYS A 374 -37.07 8.11 9.65
N LEU A 375 -35.99 7.43 10.00
CA LEU A 375 -35.68 6.13 9.44
C LEU A 375 -36.70 5.09 9.93
N HIS A 376 -37.05 5.19 11.20
CA HIS A 376 -38.05 4.31 11.79
C HIS A 376 -39.40 4.48 11.11
N SER A 377 -39.82 5.73 10.89
CA SER A 377 -41.11 5.98 10.24
C SER A 377 -41.12 5.43 8.83
N ARG A 378 -40.01 5.62 8.10
CA ARG A 378 -39.89 5.12 6.75
C ARG A 378 -39.95 3.59 6.69
N VAL A 379 -39.19 2.93 7.57
CA VAL A 379 -39.16 1.47 7.59
C VAL A 379 -40.52 0.90 8.03
N THR A 380 -41.19 1.59 8.94
CA THR A 380 -42.56 1.20 9.34
C THR A 380 -43.50 1.23 8.12
N LYS A 381 -43.58 2.36 7.45
CA LYS A 381 -44.46 2.49 6.29
C LYS A 381 -44.10 1.53 5.15
N GLU A 382 -42.83 1.17 5.06
CA GLU A 382 -42.34 0.33 3.95
C GLU A 382 -42.06 -1.13 4.34
N ARG A 383 -42.41 -1.52 5.57
CA ARG A 383 -42.03 -2.85 6.06
C ARG A 383 -42.43 -3.98 5.12
N HIS A 384 -43.60 -3.86 4.51
CA HIS A 384 -44.10 -4.90 3.60
C HIS A 384 -43.20 -5.05 2.37
N ARG A 385 -42.69 -3.94 1.83
CA ARG A 385 -41.75 -4.03 0.70
C ARG A 385 -40.37 -4.52 1.17
N LEU A 386 -39.90 -3.95 2.28
CA LEU A 386 -38.57 -4.26 2.80
C LEU A 386 -38.41 -5.70 3.23
N SER A 387 -39.48 -6.28 3.77
CA SER A 387 -39.39 -7.64 4.28
C SER A 387 -39.20 -8.68 3.15
N ARG A 388 -39.41 -8.26 1.90
CA ARG A 388 -39.13 -9.11 0.73
C ARG A 388 -37.62 -9.36 0.51
N PHE A 389 -36.76 -8.53 1.12
CA PHE A 389 -35.32 -8.56 0.83
C PHE A 389 -34.46 -8.71 2.09
N SER A 390 -33.30 -9.38 1.96
CA SER A 390 -32.39 -9.53 3.08
C SER A 390 -31.97 -8.20 3.73
N SER A 391 -31.71 -7.19 2.90
CA SER A 391 -31.30 -5.87 3.41
C SER A 391 -32.43 -5.21 4.18
N GLY A 392 -33.66 -5.37 3.70
CA GLY A 392 -34.83 -4.84 4.39
C GLY A 392 -35.03 -5.50 5.73
N LYS A 393 -34.86 -6.82 5.75
CA LYS A 393 -35.03 -7.62 6.95
C LYS A 393 -34.00 -7.25 8.00
N LYS A 394 -32.78 -6.96 7.56
CA LYS A 394 -31.73 -6.52 8.46
C LYS A 394 -32.07 -5.17 9.12
N MET A 395 -32.58 -4.22 8.34
CA MET A 395 -32.99 -2.94 8.91
C MET A 395 -34.12 -3.12 9.93
N ILE A 396 -35.16 -3.86 9.54
CA ILE A 396 -36.28 -4.15 10.42
C ILE A 396 -35.75 -4.77 11.71
N GLU A 397 -34.73 -5.62 11.57
CA GLU A 397 -34.13 -6.28 12.71
C GLU A 397 -33.29 -5.32 13.56
N THR A 398 -32.56 -4.43 12.92
CA THR A 398 -31.78 -3.43 13.64
C THR A 398 -32.70 -2.61 14.53
N LEU A 399 -33.87 -2.23 13.99
CA LEU A 399 -34.81 -1.40 14.73
C LEU A 399 -35.47 -2.17 15.86
N ALA A 400 -35.86 -3.42 15.60
CA ALA A 400 -36.47 -4.27 16.61
C ALA A 400 -35.49 -4.53 17.75
N ASN A 401 -34.21 -4.62 17.42
CA ASN A 401 -33.16 -4.86 18.40
C ASN A 401 -32.94 -3.63 19.29
N LEU A 402 -33.23 -2.47 18.74
CA LEU A 402 -33.07 -1.22 19.49
C LEU A 402 -34.13 -1.10 20.58
N ARG A 403 -35.33 -1.60 20.33
CA ARG A 403 -36.38 -1.59 21.34
C ARG A 403 -36.05 -2.57 22.46
N SER A 404 -35.05 -2.19 23.25
CA SER A 404 -34.49 -2.98 24.34
C SER A 404 -33.07 -2.50 24.62
#